data_4BTT
#
_entry.id   4BTT
#
_cell.length_a   56.210
_cell.length_b   56.210
_cell.length_c   175.440
_cell.angle_alpha   90.00
_cell.angle_beta   90.00
_cell.angle_gamma   120.00
#
_symmetry.space_group_name_H-M   'P 32'
#
loop_
_entity.id
_entity.type
_entity.pdbx_description
1 polymer 'COAGULATION FACTOR X LIGHT CHAIN'
2 polymer 'COAGULATION FACTOR X'
3 non-polymer 'CALCIUM ION'
4 non-polymer N-[(S)-1-[5-(5-Chloro-thiophen-2-yl)-isoxazol-3-ylmethyl]-2-(4-methoxy-piperidin-1-yl)-2-oxo-ethyl]-2-ethyl-3-(3-oxo-morpholin-4-yl)-benzenesulfonamide
5 water water
#
loop_
_entity_poly.entity_id
_entity_poly.type
_entity_poly.pdbx_seq_one_letter_code
_entity_poly.pdbx_strand_id
1 'polypeptide(L)'
;YKDGDQCETSPCQNQGKCKDGLGEYTCTCLEGFEGKNCELFTRKLCSLDNGDCDQFCHEEQNSVVCSCARGYTLADNGKA
CIPTGPYPCGKQTLER
;
A,E
2 'polypeptide(L)'
;IVGGQECKDGECPWQALLINEENEGFCGGTILSEFYILTAAHCLYQAKRFKVRVGDRNTEQEEGGEAVHEVEVVIKHNRF
TKETYDFDIAVLRLKTPITFRMNVAPACLPERDWAESTLMTQKTGIVSGFGRTHEKGRQSTRLKMLEVPYVDRNSCKLSS
SFIITQNMFCAGYDTKQEDACQGDSGGPHVTRFKDTYFVTGIVSWGEGCARKGKYGIYTKVTAFLKWIDRSMKTRGLPKA
KSHAPEVITSSPLK
;
B,F
#
loop_
_chem_comp.id
_chem_comp.type
_chem_comp.name
_chem_comp.formula
CA non-polymer 'CALCIUM ION' 'Ca 2'
VYR non-polymer N-[(S)-1-[5-(5-Chloro-thiophen-2-yl)-isoxazol-3-ylmethyl]-2-(4-methoxy-piperidin-1-yl)-2-oxo-ethyl]-2-ethyl-3-(3-oxo-morpholin-4-yl)-benzenesulfonamide 'C28 H33 Cl N4 O7 S2'
#
# COMPACT_ATOMS: atom_id res chain seq x y z
N ARG A 43 14.32 -19.27 -5.89
CA ARG A 43 15.14 -19.13 -4.70
C ARG A 43 15.67 -17.70 -4.58
N LYS A 44 15.45 -17.06 -3.41
CA LYS A 44 15.90 -15.70 -3.04
C LYS A 44 15.29 -14.52 -3.79
N LEU A 45 14.96 -14.68 -5.10
CA LEU A 45 14.40 -13.59 -5.92
C LEU A 45 13.17 -13.96 -6.73
N CYS A 46 12.16 -13.06 -6.75
CA CYS A 46 10.93 -13.22 -7.51
C CYS A 46 11.12 -12.78 -8.97
N SER A 47 12.24 -12.08 -9.24
CA SER A 47 12.63 -11.57 -10.56
C SER A 47 12.89 -12.70 -11.57
N LEU A 48 13.40 -13.85 -11.08
CA LEU A 48 13.69 -15.01 -11.92
C LEU A 48 12.64 -16.12 -11.71
N ASP A 49 11.84 -16.37 -12.77
CA ASP A 49 10.78 -17.38 -12.86
C ASP A 49 9.71 -17.34 -11.74
N ASN A 50 9.38 -16.11 -11.26
CA ASN A 50 8.38 -15.83 -10.20
C ASN A 50 8.67 -16.60 -8.88
N GLY A 51 9.94 -16.93 -8.64
CA GLY A 51 10.41 -17.68 -7.48
C GLY A 51 9.77 -19.05 -7.33
N ASP A 52 9.42 -19.68 -8.48
CA ASP A 52 8.74 -20.97 -8.62
C ASP A 52 7.30 -21.00 -8.06
N CYS A 53 6.74 -19.82 -7.74
CA CYS A 53 5.37 -19.66 -7.22
C CYS A 53 4.33 -19.82 -8.32
N ASP A 54 3.16 -20.37 -7.98
CA ASP A 54 2.04 -20.55 -8.90
C ASP A 54 1.37 -19.20 -9.14
N GLN A 55 1.16 -18.42 -8.05
CA GLN A 55 0.53 -17.11 -8.10
C GLN A 55 1.44 -15.98 -7.59
N PHE A 56 1.10 -15.32 -6.46
CA PHE A 56 1.85 -14.20 -5.90
C PHE A 56 3.22 -14.57 -5.33
N CYS A 57 4.19 -13.64 -5.44
CA CYS A 57 5.57 -13.77 -4.98
C CYS A 57 6.05 -12.50 -4.27
N HIS A 58 6.76 -12.68 -3.15
CA HIS A 58 7.35 -11.60 -2.35
C HIS A 58 8.56 -12.11 -1.58
N GLU A 59 9.69 -11.37 -1.64
CA GLU A 59 10.93 -11.74 -0.95
C GLU A 59 10.77 -11.56 0.55
N GLU A 60 10.85 -12.67 1.30
CA GLU A 60 10.67 -12.69 2.75
C GLU A 60 11.71 -13.58 3.44
N GLN A 61 12.26 -13.15 4.59
N GLN A 61 12.29 -13.04 4.53
CA GLN A 61 13.22 -13.92 5.41
CA GLN A 61 13.35 -13.58 5.38
C GLN A 61 14.31 -14.74 4.65
C GLN A 61 14.65 -13.66 4.57
N ASN A 62 15.20 -14.07 3.89
N ASN A 62 15.09 -14.87 4.22
CA ASN A 62 16.30 -14.67 3.13
CA ASN A 62 16.28 -15.06 3.37
C ASN A 62 15.90 -15.68 2.00
C ASN A 62 15.89 -16.02 2.24
N SER A 63 14.61 -15.95 1.82
CA SER A 63 14.06 -16.83 0.79
C SER A 63 12.89 -16.17 0.03
N VAL A 64 12.04 -16.99 -0.63
CA VAL A 64 10.87 -16.58 -1.42
C VAL A 64 9.62 -17.23 -0.81
N VAL A 65 8.58 -16.41 -0.57
CA VAL A 65 7.30 -16.87 0.01
C VAL A 65 6.17 -16.68 -1.01
N CYS A 66 5.46 -17.78 -1.30
CA CYS A 66 4.33 -17.81 -2.24
C CYS A 66 3.00 -17.74 -1.49
N SER A 67 2.01 -17.09 -2.11
CA SER A 67 0.66 -16.94 -1.57
C SER A 67 -0.38 -17.08 -2.68
N CYS A 68 -1.60 -17.52 -2.33
CA CYS A 68 -2.68 -17.75 -3.29
C CYS A 68 -3.87 -16.84 -3.05
N ALA A 69 -4.69 -16.62 -4.10
CA ALA A 69 -5.90 -15.79 -4.06
C ALA A 69 -7.06 -16.56 -3.42
N ARG A 70 -8.19 -15.87 -3.16
CA ARG A 70 -9.40 -16.44 -2.55
C ARG A 70 -9.93 -17.62 -3.38
N GLY A 71 -10.21 -18.72 -2.69
CA GLY A 71 -10.70 -19.96 -3.31
C GLY A 71 -9.59 -20.97 -3.56
N TYR A 72 -8.37 -20.66 -3.09
CA TYR A 72 -7.17 -21.50 -3.22
C TYR A 72 -6.43 -21.62 -1.89
N THR A 73 -5.74 -22.76 -1.69
CA THR A 73 -4.90 -23.02 -0.52
C THR A 73 -3.51 -23.47 -0.99
N LEU A 74 -2.46 -22.97 -0.31
CA LEU A 74 -1.07 -23.27 -0.62
C LEU A 74 -0.73 -24.75 -0.35
N ALA A 75 -0.07 -25.41 -1.32
CA ALA A 75 0.34 -26.82 -1.26
C ALA A 75 1.46 -27.06 -0.26
N ASP A 76 1.77 -28.35 0.03
CA ASP A 76 2.83 -28.77 0.96
C ASP A 76 4.22 -28.26 0.57
N ASN A 77 4.48 -28.13 -0.75
CA ASN A 77 5.73 -27.61 -1.32
C ASN A 77 5.89 -26.11 -1.06
N GLY A 78 4.76 -25.42 -0.83
CA GLY A 78 4.70 -23.99 -0.56
C GLY A 78 4.92 -23.14 -1.80
N LYS A 79 4.58 -23.70 -2.98
CA LYS A 79 4.74 -23.05 -4.27
C LYS A 79 3.43 -23.10 -5.08
N ALA A 80 2.81 -24.29 -5.17
CA ALA A 80 1.58 -24.54 -5.91
C ALA A 80 0.31 -24.06 -5.18
N CYS A 81 -0.73 -23.69 -5.96
CA CYS A 81 -2.03 -23.24 -5.45
C CYS A 81 -3.11 -24.27 -5.76
N ILE A 82 -3.62 -24.94 -4.70
CA ILE A 82 -4.64 -25.98 -4.81
C ILE A 82 -6.07 -25.38 -4.64
N PRO A 83 -6.99 -25.60 -5.61
CA PRO A 83 -8.35 -25.03 -5.47
C PRO A 83 -9.18 -25.68 -4.37
N THR A 84 -10.06 -24.87 -3.72
CA THR A 84 -10.93 -25.30 -2.62
C THR A 84 -12.00 -26.30 -3.07
N GLY A 85 -12.68 -25.97 -4.15
CA GLY A 85 -13.72 -26.82 -4.72
C GLY A 85 -13.84 -26.75 -6.23
N PRO A 86 -15.03 -27.05 -6.79
N PRO A 86 -15.07 -26.89 -6.76
CA PRO A 86 -15.16 -27.14 -8.27
CA PRO A 86 -15.25 -26.73 -8.21
C PRO A 86 -14.73 -25.99 -9.19
C PRO A 86 -15.41 -25.25 -8.55
N TYR A 87 -15.28 -24.78 -9.01
N TYR A 87 -14.90 -24.85 -9.73
CA TYR A 87 -14.98 -23.64 -9.90
CA TYR A 87 -14.94 -23.47 -10.25
C TYR A 87 -14.14 -22.55 -9.20
C TYR A 87 -14.15 -22.44 -9.40
N PRO A 88 -12.80 -22.51 -9.39
CA PRO A 88 -12.00 -21.48 -8.68
C PRO A 88 -11.86 -20.19 -9.49
N CYS A 89 -11.33 -19.11 -8.88
CA CYS A 89 -11.17 -17.83 -9.60
C CYS A 89 -10.13 -17.87 -10.73
N GLY A 90 -10.36 -17.03 -11.73
CA GLY A 90 -9.49 -16.85 -12.88
C GLY A 90 -9.23 -18.04 -13.79
N LYS A 91 -10.06 -19.09 -13.68
CA LYS A 91 -9.90 -20.29 -14.51
C LYS A 91 -10.99 -20.38 -15.58
N GLN A 92 -10.58 -20.59 -16.83
CA GLN A 92 -11.49 -20.73 -17.97
C GLN A 92 -12.10 -22.14 -17.94
N THR A 93 -13.44 -22.22 -17.91
CA THR A 93 -14.15 -23.50 -17.86
C THR A 93 -14.14 -24.19 -19.23
N ILE B 1 -17.26 -4.03 -28.33
CA ILE B 1 -15.92 -4.40 -28.80
C ILE B 1 -15.83 -4.26 -30.33
N VAL B 2 -14.85 -3.48 -30.82
CA VAL B 2 -14.60 -3.28 -32.24
C VAL B 2 -13.56 -4.34 -32.66
N GLY B 3 -13.94 -5.21 -33.59
CA GLY B 3 -13.11 -6.31 -34.06
C GLY B 3 -13.05 -7.45 -33.06
N GLY B 4 -11.90 -8.13 -33.01
CA GLY B 4 -11.67 -9.24 -32.10
C GLY B 4 -12.42 -10.51 -32.43
N GLN B 5 -12.56 -11.39 -31.43
CA GLN B 5 -13.24 -12.69 -31.53
C GLN B 5 -14.35 -12.78 -30.47
N GLU B 6 -15.34 -13.68 -30.66
CA GLU B 6 -16.42 -13.86 -29.68
C GLU B 6 -16.03 -14.84 -28.57
N CYS B 7 -16.57 -14.63 -27.34
CA CYS B 7 -16.31 -15.48 -26.18
C CYS B 7 -16.96 -16.85 -26.37
N LYS B 8 -16.16 -17.92 -26.24
CA LYS B 8 -16.65 -19.29 -26.37
C LYS B 8 -17.16 -19.81 -25.01
N ASP B 9 -17.73 -21.02 -24.99
CA ASP B 9 -18.29 -21.64 -23.78
C ASP B 9 -17.26 -21.77 -22.66
N GLY B 10 -17.43 -20.93 -21.62
CA GLY B 10 -16.56 -20.89 -20.46
C GLY B 10 -15.27 -20.11 -20.63
N GLU B 11 -15.13 -19.34 -21.74
CA GLU B 11 -13.96 -18.53 -22.03
C GLU B 11 -13.94 -17.21 -21.25
N CYS B 12 -15.11 -16.57 -21.14
CA CYS B 12 -15.28 -15.30 -20.42
C CYS B 12 -16.34 -15.48 -19.30
N PRO B 13 -16.04 -16.21 -18.20
CA PRO B 13 -17.05 -16.45 -17.16
C PRO B 13 -17.20 -15.37 -16.08
N TRP B 14 -16.25 -14.42 -16.01
CA TRP B 14 -16.25 -13.32 -15.03
C TRP B 14 -17.10 -12.12 -15.48
N GLN B 15 -17.63 -12.18 -16.72
CA GLN B 15 -18.46 -11.14 -17.32
C GLN B 15 -19.84 -11.03 -16.65
N ALA B 16 -20.23 -9.79 -16.32
CA ALA B 16 -21.53 -9.44 -15.73
C ALA B 16 -22.13 -8.29 -16.53
N LEU B 17 -23.45 -8.26 -16.68
CA LEU B 17 -24.14 -7.22 -17.43
C LEU B 17 -25.17 -6.49 -16.57
N LEU B 18 -25.06 -5.15 -16.53
CA LEU B 18 -25.98 -4.30 -15.77
C LEU B 18 -27.19 -3.98 -16.65
N ILE B 19 -28.35 -4.55 -16.28
CA ILE B 19 -29.60 -4.39 -17.02
C ILE B 19 -30.55 -3.41 -16.35
N ASN B 20 -31.12 -2.47 -17.13
CA ASN B 20 -32.06 -1.47 -16.64
C ASN B 20 -33.47 -2.04 -16.45
N GLU B 21 -34.45 -1.18 -16.10
CA GLU B 21 -35.86 -1.54 -15.90
C GLU B 21 -36.55 -2.03 -17.18
N GLU B 22 -35.97 -1.74 -18.36
CA GLU B 22 -36.49 -2.12 -19.67
C GLU B 22 -35.74 -3.34 -20.29
N ASN B 23 -35.09 -4.16 -19.42
CA ASN B 23 -34.35 -5.39 -19.75
C ASN B 23 -33.03 -5.20 -20.54
N GLU B 24 -32.82 -4.03 -21.17
CA GLU B 24 -31.62 -3.72 -21.97
C GLU B 24 -30.37 -3.51 -21.11
N GLY B 25 -29.25 -4.04 -21.59
CA GLY B 25 -27.94 -3.93 -20.95
C GLY B 25 -27.24 -2.65 -21.36
N PHE B 26 -26.84 -1.84 -20.37
CA PHE B 26 -26.18 -0.55 -20.59
C PHE B 26 -24.70 -0.50 -20.20
N CYS B 27 -24.30 -1.30 -19.19
CA CYS B 27 -22.92 -1.35 -18.70
C CYS B 27 -22.45 -2.77 -18.38
N GLY B 28 -21.13 -2.96 -18.36
CA GLY B 28 -20.48 -4.22 -18.04
C GLY B 28 -20.14 -4.35 -16.57
N GLY B 29 -19.65 -5.52 -16.18
CA GLY B 29 -19.26 -5.84 -14.81
C GLY B 29 -18.30 -7.00 -14.68
N THR B 30 -17.61 -7.08 -13.53
CA THR B 30 -16.63 -8.13 -13.22
C THR B 30 -17.03 -8.86 -11.93
N ILE B 31 -17.08 -10.21 -11.99
CA ILE B 31 -17.41 -11.05 -10.83
C ILE B 31 -16.15 -11.22 -9.97
N LEU B 32 -16.21 -10.75 -8.71
CA LEU B 32 -15.11 -10.85 -7.75
C LEU B 32 -15.32 -12.05 -6.83
N SER B 33 -16.57 -12.23 -6.35
CA SER B 33 -17.00 -13.32 -5.47
C SER B 33 -18.49 -13.60 -5.69
N GLU B 34 -19.10 -14.46 -4.85
CA GLU B 34 -20.52 -14.80 -4.93
C GLU B 34 -21.47 -13.66 -4.55
N PHE B 35 -20.97 -12.66 -3.77
CA PHE B 35 -21.75 -11.51 -3.33
C PHE B 35 -21.27 -10.16 -3.89
N TYR B 36 -20.06 -10.09 -4.47
CA TYR B 36 -19.50 -8.82 -4.96
C TYR B 36 -19.20 -8.73 -6.45
N ILE B 37 -19.59 -7.59 -7.06
CA ILE B 37 -19.41 -7.24 -8.48
C ILE B 37 -18.61 -5.93 -8.60
N LEU B 38 -17.64 -5.89 -9.53
CA LEU B 38 -16.81 -4.70 -9.80
C LEU B 38 -17.24 -4.02 -11.10
N THR B 39 -17.48 -2.69 -11.02
CA THR B 39 -17.90 -1.86 -12.17
C THR B 39 -17.37 -0.42 -12.06
N ALA B 40 -17.68 0.42 -13.05
CA ALA B 40 -17.30 1.83 -13.10
C ALA B 40 -18.35 2.69 -12.39
N ALA B 41 -17.92 3.80 -11.77
CA ALA B 41 -18.79 4.71 -11.03
C ALA B 41 -19.77 5.49 -11.92
N HIS B 42 -19.39 5.77 -13.19
CA HIS B 42 -20.24 6.50 -14.13
C HIS B 42 -21.49 5.73 -14.60
N CYS B 43 -21.47 4.39 -14.50
CA CYS B 43 -22.58 3.50 -14.87
C CYS B 43 -23.81 3.64 -13.98
N LEU B 44 -23.62 4.16 -12.75
CA LEU B 44 -24.68 4.38 -11.77
C LEU B 44 -25.59 5.57 -12.13
N TYR B 45 -25.07 6.50 -12.95
CA TYR B 45 -25.79 7.71 -13.40
C TYR B 45 -26.61 7.47 -14.67
N GLN B 46 -26.51 6.26 -15.27
CA GLN B 46 -27.22 5.89 -16.50
C GLN B 46 -28.67 5.41 -16.28
N ALA B 47 -28.96 4.81 -15.12
CA ALA B 47 -30.30 4.31 -14.78
C ALA B 47 -30.64 4.48 -13.30
N LYS B 48 -31.90 4.84 -13.01
CA LYS B 48 -32.42 5.03 -11.64
C LYS B 48 -32.58 3.70 -10.89
N ARG B 49 -32.85 2.60 -11.63
CA ARG B 49 -33.00 1.25 -11.10
C ARG B 49 -32.35 0.26 -12.05
N PHE B 50 -31.50 -0.65 -11.52
CA PHE B 50 -30.79 -1.65 -12.31
C PHE B 50 -30.59 -2.98 -11.56
N LYS B 51 -30.31 -4.05 -12.33
CA LYS B 51 -30.04 -5.40 -11.82
C LYS B 51 -28.82 -6.01 -12.53
N VAL B 52 -28.22 -7.06 -11.94
CA VAL B 52 -27.03 -7.72 -12.50
C VAL B 52 -27.40 -9.05 -13.16
N ARG B 53 -26.98 -9.24 -14.42
CA ARG B 53 -27.22 -10.48 -15.18
C ARG B 53 -25.89 -11.21 -15.40
N VAL B 54 -25.85 -12.50 -14.99
CA VAL B 54 -24.66 -13.35 -15.09
C VAL B 54 -24.90 -14.59 -15.97
N GLY B 55 -23.85 -15.04 -16.65
CA GLY B 55 -23.87 -16.21 -17.52
C GLY B 55 -24.58 -16.03 -18.86
N ASP B 56 -24.64 -14.77 -19.34
CA ASP B 56 -25.27 -14.43 -20.62
C ASP B 56 -24.23 -14.35 -21.74
N ARG B 57 -24.57 -14.90 -22.91
CA ARG B 57 -23.72 -14.90 -24.10
C ARG B 57 -24.41 -14.23 -25.29
N ASN B 58 -25.71 -14.52 -25.47
CA ASN B 58 -26.57 -13.96 -26.52
C ASN B 58 -27.73 -13.22 -25.85
N THR B 59 -27.91 -11.93 -26.20
CA THR B 59 -28.97 -11.08 -25.62
C THR B 59 -30.36 -11.32 -26.21
N GLU B 60 -30.45 -11.59 -27.52
CA GLU B 60 -31.73 -11.82 -28.21
C GLU B 60 -32.36 -13.20 -27.97
N GLN B 61 -31.56 -14.18 -27.49
CA GLN B 61 -32.01 -15.55 -27.21
C GLN B 61 -31.65 -16.00 -25.78
N GLU B 62 -32.23 -17.12 -25.32
CA GLU B 62 -31.98 -17.68 -23.99
C GLU B 62 -31.28 -19.04 -24.11
N GLU B 63 -29.93 -19.01 -24.21
CA GLU B 63 -29.12 -20.22 -24.38
C GLU B 63 -29.03 -21.13 -23.15
N GLY B 64 -29.26 -20.56 -21.96
CA GLY B 64 -29.20 -21.27 -20.69
C GLY B 64 -28.00 -20.89 -19.87
N GLY B 65 -28.12 -21.01 -18.54
CA GLY B 65 -27.07 -20.66 -17.59
C GLY B 65 -27.13 -19.21 -17.16
N GLU B 66 -28.19 -18.50 -17.57
CA GLU B 66 -28.42 -17.09 -17.26
C GLU B 66 -29.10 -16.94 -15.90
N ALA B 67 -28.73 -15.88 -15.14
CA ALA B 67 -29.29 -15.59 -13.82
C ALA B 67 -29.34 -14.09 -13.55
N VAL B 68 -30.42 -13.62 -12.91
CA VAL B 68 -30.63 -12.21 -12.57
C VAL B 68 -30.52 -12.04 -11.04
N HIS B 69 -29.70 -11.08 -10.61
CA HIS B 69 -29.46 -10.78 -9.19
C HIS B 69 -29.78 -9.31 -8.87
N GLU B 70 -30.36 -9.07 -7.68
CA GLU B 70 -30.70 -7.72 -7.21
C GLU B 70 -29.57 -7.11 -6.40
N VAL B 71 -29.34 -5.81 -6.58
CA VAL B 71 -28.29 -5.05 -5.88
C VAL B 71 -28.82 -4.59 -4.52
N GLU B 72 -28.08 -4.93 -3.45
CA GLU B 72 -28.42 -4.58 -2.06
C GLU B 72 -27.76 -3.25 -1.65
N VAL B 73 -26.40 -3.23 -1.63
CA VAL B 73 -25.61 -2.05 -1.24
C VAL B 73 -24.73 -1.60 -2.40
N VAL B 74 -24.73 -0.28 -2.69
CA VAL B 74 -23.91 0.34 -3.73
C VAL B 74 -22.76 1.10 -3.06
N ILE B 75 -21.52 0.66 -3.34
CA ILE B 75 -20.31 1.29 -2.77
C ILE B 75 -19.55 2.04 -3.87
N LYS B 76 -19.81 3.35 -3.99
CA LYS B 76 -19.19 4.24 -4.97
C LYS B 76 -18.07 5.05 -4.32
N HIS B 77 -16.97 5.30 -5.07
CA HIS B 77 -15.83 6.08 -4.58
C HIS B 77 -16.23 7.55 -4.49
N ASN B 78 -16.10 8.14 -3.29
CA ASN B 78 -16.45 9.54 -2.99
C ASN B 78 -15.62 10.58 -3.76
N ARG B 79 -14.42 10.20 -4.24
CA ARG B 79 -13.53 11.06 -5.00
C ARG B 79 -13.83 11.11 -6.50
N PHE B 80 -14.86 10.36 -6.96
CA PHE B 80 -15.26 10.31 -8.37
C PHE B 80 -15.86 11.63 -8.86
N THR B 81 -15.40 12.08 -10.03
CA THR B 81 -15.85 13.31 -10.69
C THR B 81 -16.10 13.09 -12.17
N LYS B 82 -17.21 13.61 -12.70
CA LYS B 82 -17.60 13.50 -14.11
C LYS B 82 -16.78 14.44 -15.03
N GLU B 83 -16.03 15.37 -14.42
CA GLU B 83 -15.18 16.36 -15.08
C GLU B 83 -13.97 15.69 -15.77
N THR B 84 -13.30 14.77 -15.05
CA THR B 84 -12.08 14.08 -15.52
C THR B 84 -12.20 12.56 -15.58
N TYR B 85 -13.28 11.99 -14.97
CA TYR B 85 -13.54 10.53 -14.86
C TYR B 85 -12.51 9.80 -13.98
N ASP B 86 -11.91 10.54 -13.03
CA ASP B 86 -10.93 10.00 -12.08
C ASP B 86 -11.67 9.28 -10.96
N PHE B 87 -11.03 8.23 -10.38
CA PHE B 87 -11.58 7.37 -9.31
C PHE B 87 -12.88 6.65 -9.75
N ASP B 88 -12.94 6.28 -11.05
CA ASP B 88 -14.07 5.61 -11.68
C ASP B 88 -14.12 4.12 -11.29
N ILE B 89 -14.54 3.86 -10.03
CA ILE B 89 -14.65 2.53 -9.44
C ILE B 89 -15.92 2.42 -8.56
N ALA B 90 -16.60 1.27 -8.63
CA ALA B 90 -17.81 0.98 -7.87
C ALA B 90 -17.92 -0.52 -7.57
N VAL B 91 -18.24 -0.87 -6.31
CA VAL B 91 -18.41 -2.24 -5.84
C VAL B 91 -19.88 -2.45 -5.46
N LEU B 92 -20.51 -3.50 -6.02
CA LEU B 92 -21.92 -3.80 -5.78
C LEU B 92 -22.11 -5.05 -4.92
N ARG B 93 -22.88 -4.92 -3.84
CA ARG B 93 -23.24 -6.01 -2.92
C ARG B 93 -24.59 -6.56 -3.36
N LEU B 94 -24.69 -7.90 -3.51
CA LEU B 94 -25.93 -8.56 -3.94
C LEU B 94 -26.71 -9.17 -2.78
N LYS B 95 -28.05 -9.29 -2.94
CA LYS B 95 -28.97 -9.84 -1.95
C LYS B 95 -28.80 -11.35 -1.80
N THR B 96 -28.68 -12.08 -2.94
CA THR B 96 -28.53 -13.54 -2.99
C THR B 96 -27.16 -13.94 -3.56
N PRO B 97 -26.53 -15.05 -3.07
CA PRO B 97 -25.22 -15.44 -3.61
C PRO B 97 -25.26 -16.01 -5.03
N ILE B 98 -24.15 -15.82 -5.77
CA ILE B 98 -23.97 -16.31 -7.14
C ILE B 98 -23.53 -17.77 -7.14
N THR B 99 -24.15 -18.60 -7.99
CA THR B 99 -23.80 -20.01 -8.14
C THR B 99 -22.75 -20.11 -9.24
N PHE B 100 -21.61 -20.75 -8.95
CA PHE B 100 -20.54 -20.91 -9.92
C PHE B 100 -20.75 -22.13 -10.81
N ARG B 101 -20.72 -21.92 -12.14
CA ARG B 101 -20.94 -22.94 -13.17
C ARG B 101 -20.18 -22.66 -14.48
N MET B 102 -20.57 -23.32 -15.60
CA MET B 102 -19.97 -23.23 -16.94
C MET B 102 -19.57 -21.80 -17.40
N ASN B 103 -20.54 -20.87 -17.43
CA ASN B 103 -20.27 -19.49 -17.86
C ASN B 103 -20.31 -18.47 -16.71
N VAL B 104 -20.33 -18.97 -15.44
CA VAL B 104 -20.35 -18.12 -14.24
C VAL B 104 -19.21 -18.54 -13.29
N ALA B 105 -18.12 -17.75 -13.25
CA ALA B 105 -16.95 -17.99 -12.39
C ALA B 105 -16.28 -16.66 -12.04
N PRO B 106 -15.68 -16.49 -10.84
CA PRO B 106 -15.05 -15.19 -10.52
C PRO B 106 -13.64 -15.03 -11.09
N ALA B 107 -13.10 -13.80 -10.99
CA ALA B 107 -11.75 -13.46 -11.42
C ALA B 107 -10.95 -13.03 -10.18
N CYS B 108 -9.73 -13.57 -10.03
CA CYS B 108 -8.86 -13.31 -8.87
C CYS B 108 -8.43 -11.85 -8.74
N LEU B 109 -8.33 -11.38 -7.49
CA LEU B 109 -7.86 -10.04 -7.15
C LEU B 109 -6.37 -10.17 -6.78
N PRO B 110 -5.45 -9.47 -7.49
CA PRO B 110 -4.02 -9.64 -7.18
C PRO B 110 -3.52 -8.79 -6.01
N GLU B 111 -2.21 -8.91 -5.70
CA GLU B 111 -1.52 -8.14 -4.66
C GLU B 111 -0.87 -6.94 -5.34
N ARG B 112 -0.95 -5.76 -4.68
CA ARG B 112 -0.45 -4.47 -5.18
C ARG B 112 0.97 -4.47 -5.79
N ASP B 113 1.98 -4.90 -5.02
CA ASP B 113 3.37 -4.92 -5.49
C ASP B 113 3.65 -5.97 -6.54
N TRP B 114 2.99 -7.14 -6.46
CA TRP B 114 3.17 -8.24 -7.41
C TRP B 114 2.56 -7.93 -8.77
N ALA B 115 1.32 -7.40 -8.80
CA ALA B 115 0.62 -7.04 -10.04
C ALA B 115 1.30 -5.93 -10.83
N GLU B 116 1.89 -4.93 -10.13
CA GLU B 116 2.61 -3.81 -10.74
C GLU B 116 3.93 -4.23 -11.37
N SER B 117 4.60 -5.26 -10.80
CA SER B 117 5.89 -5.76 -11.27
C SER B 117 5.81 -7.00 -12.17
N THR B 118 4.71 -7.77 -12.09
CA THR B 118 4.54 -8.99 -12.87
C THR B 118 3.43 -8.91 -13.92
N LEU B 119 2.20 -8.50 -13.52
CA LEU B 119 1.05 -8.42 -14.43
C LEU B 119 1.10 -7.21 -15.37
N MET B 120 1.45 -6.02 -14.84
CA MET B 120 1.54 -4.78 -15.64
C MET B 120 2.71 -4.83 -16.64
N THR B 121 3.74 -5.66 -16.35
CA THR B 121 4.92 -5.85 -17.20
C THR B 121 4.69 -6.84 -18.34
N GLN B 122 3.53 -7.54 -18.35
CA GLN B 122 3.16 -8.49 -19.40
C GLN B 122 2.88 -7.77 -20.73
N LYS B 123 2.95 -8.51 -21.84
CA LYS B 123 2.75 -7.97 -23.19
C LYS B 123 1.33 -7.53 -23.50
N THR B 124 0.31 -8.37 -23.19
CA THR B 124 -1.09 -8.08 -23.50
C THR B 124 -2.08 -8.29 -22.33
N GLY B 125 -3.33 -7.89 -22.55
CA GLY B 125 -4.46 -8.00 -21.65
C GLY B 125 -5.72 -8.39 -22.42
N ILE B 126 -6.73 -8.94 -21.73
CA ILE B 126 -7.98 -9.38 -22.37
C ILE B 126 -9.17 -8.51 -21.93
N VAL B 127 -9.90 -7.93 -22.91
CA VAL B 127 -11.11 -7.12 -22.68
C VAL B 127 -12.35 -7.76 -23.29
N SER B 128 -13.47 -7.73 -22.56
CA SER B 128 -14.74 -8.32 -23.00
C SER B 128 -15.96 -7.45 -22.71
N GLY B 129 -17.07 -7.73 -23.41
CA GLY B 129 -18.32 -7.01 -23.23
C GLY B 129 -19.32 -7.11 -24.37
N PHE B 130 -20.54 -6.56 -24.13
CA PHE B 130 -21.66 -6.53 -25.07
C PHE B 130 -21.81 -5.16 -25.77
N GLY B 131 -20.71 -4.40 -25.82
CA GLY B 131 -20.67 -3.06 -26.42
C GLY B 131 -20.79 -2.99 -27.93
N ARG B 132 -20.64 -1.78 -28.47
CA ARG B 132 -20.74 -1.48 -29.91
C ARG B 132 -19.60 -2.11 -30.72
N THR B 133 -19.91 -2.55 -31.96
CA THR B 133 -18.94 -3.16 -32.88
C THR B 133 -18.23 -2.09 -33.73
N HIS B 134 -18.81 -0.87 -33.76
CA HIS B 134 -18.32 0.32 -34.47
C HIS B 134 -18.64 1.56 -33.62
N GLU B 135 -17.85 2.64 -33.76
CA GLU B 135 -18.04 3.90 -33.02
C GLU B 135 -19.45 4.46 -33.19
N LYS B 136 -19.94 4.50 -34.45
CA LYS B 136 -21.27 4.99 -34.83
C LYS B 136 -22.27 3.82 -34.89
N GLY B 137 -21.77 2.60 -34.69
CA GLY B 137 -22.53 1.35 -34.74
C GLY B 137 -23.50 1.09 -33.60
N ARG B 138 -24.08 -0.10 -33.60
CA ARG B 138 -25.08 -0.58 -32.63
C ARG B 138 -24.47 -1.61 -31.66
N GLN B 139 -25.14 -1.82 -30.49
CA GLN B 139 -24.76 -2.76 -29.43
C GLN B 139 -24.70 -4.20 -29.98
N SER B 140 -23.65 -4.95 -29.59
CA SER B 140 -23.47 -6.34 -30.03
C SER B 140 -24.40 -7.28 -29.28
N THR B 141 -25.02 -8.22 -30.01
CA THR B 141 -25.93 -9.23 -29.46
C THR B 141 -25.15 -10.36 -28.81
N ARG B 142 -23.93 -10.65 -29.33
CA ARG B 142 -23.05 -11.71 -28.86
C ARG B 142 -21.91 -11.16 -28.00
N LEU B 143 -21.47 -11.95 -27.00
CA LEU B 143 -20.36 -11.57 -26.13
C LEU B 143 -19.03 -11.74 -26.87
N LYS B 144 -18.26 -10.64 -26.97
CA LYS B 144 -16.97 -10.59 -27.69
C LYS B 144 -15.78 -10.33 -26.77
N MET B 145 -14.58 -10.74 -27.20
CA MET B 145 -13.30 -10.55 -26.50
C MET B 145 -12.22 -9.95 -27.40
N LEU B 146 -11.23 -9.27 -26.80
CA LEU B 146 -10.14 -8.65 -27.54
C LEU B 146 -8.83 -8.62 -26.75
N GLU B 147 -7.72 -8.97 -27.44
CA GLU B 147 -6.37 -8.97 -26.88
C GLU B 147 -5.76 -7.58 -27.10
N VAL B 148 -5.57 -6.81 -26.01
CA VAL B 148 -5.02 -5.46 -26.06
C VAL B 148 -3.64 -5.33 -25.41
N PRO B 149 -2.61 -4.83 -26.15
CA PRO B 149 -1.29 -4.68 -25.55
C PRO B 149 -1.17 -3.46 -24.63
N TYR B 150 -0.31 -3.55 -23.59
CA TYR B 150 -0.06 -2.47 -22.64
C TYR B 150 0.70 -1.33 -23.32
N VAL B 151 0.16 -0.11 -23.24
CA VAL B 151 0.74 1.09 -23.87
C VAL B 151 1.54 1.91 -22.85
N ASP B 152 2.75 2.37 -23.26
CA ASP B 152 3.68 3.19 -22.47
C ASP B 152 3.03 4.50 -22.02
N ARG B 153 3.28 4.90 -20.76
CA ARG B 153 2.74 6.10 -20.11
C ARG B 153 3.05 7.42 -20.83
N ASN B 154 4.26 7.56 -21.39
CA ASN B 154 4.68 8.76 -22.12
C ASN B 154 3.92 8.88 -23.45
N SER B 155 3.73 7.74 -24.15
CA SER B 155 2.99 7.66 -25.42
C SER B 155 1.49 7.88 -25.18
N CYS B 156 0.98 7.44 -24.01
CA CYS B 156 -0.41 7.55 -23.56
C CYS B 156 -0.80 9.02 -23.31
N LYS B 157 0.07 9.78 -22.60
CA LYS B 157 -0.14 11.19 -22.25
C LYS B 157 -0.11 12.13 -23.46
N LEU B 158 0.83 11.91 -24.40
CA LEU B 158 0.99 12.73 -25.61
C LEU B 158 -0.18 12.57 -26.59
N SER B 159 -0.79 11.37 -26.64
CA SER B 159 -1.90 11.05 -27.52
C SER B 159 -3.26 11.57 -27.02
N SER B 160 -3.44 11.65 -25.69
CA SER B 160 -4.69 12.07 -25.05
C SER B 160 -4.92 13.59 -24.97
N SER B 161 -6.13 14.02 -25.35
CA SER B 161 -6.58 15.42 -25.31
C SER B 161 -7.07 15.78 -23.90
N PHE B 162 -7.25 14.76 -23.05
CA PHE B 162 -7.72 14.88 -21.67
C PHE B 162 -6.69 14.28 -20.71
N ILE B 163 -6.68 14.76 -19.45
CA ILE B 163 -5.76 14.35 -18.38
C ILE B 163 -5.79 12.84 -18.08
N ILE B 164 -4.61 12.23 -17.95
CA ILE B 164 -4.42 10.82 -17.60
C ILE B 164 -3.81 10.81 -16.19
N THR B 165 -4.64 10.55 -15.17
CA THR B 165 -4.24 10.53 -13.76
C THR B 165 -3.49 9.24 -13.41
N GLN B 166 -2.87 9.19 -12.20
CA GLN B 166 -2.13 8.04 -11.67
C GLN B 166 -3.01 6.78 -11.52
N ASN B 167 -4.35 6.97 -11.42
CA ASN B 167 -5.35 5.91 -11.28
C ASN B 167 -5.85 5.42 -12.66
N MET B 168 -5.20 5.86 -13.75
CA MET B 168 -5.55 5.49 -15.14
C MET B 168 -4.36 4.86 -15.88
N PHE B 169 -4.65 4.07 -16.94
CA PHE B 169 -3.66 3.44 -17.81
C PHE B 169 -4.18 3.22 -19.23
N CYS B 170 -3.26 3.22 -20.22
CA CYS B 170 -3.56 3.03 -21.64
C CYS B 170 -3.32 1.59 -22.09
N ALA B 171 -4.21 1.07 -22.93
CA ALA B 171 -4.15 -0.27 -23.52
C ALA B 171 -4.92 -0.30 -24.85
N GLY B 172 -4.28 -0.85 -25.87
CA GLY B 172 -4.85 -0.95 -27.21
C GLY B 172 -3.84 -0.78 -28.33
N TYR B 173 -4.34 -0.37 -29.51
CA TYR B 173 -3.54 -0.17 -30.72
C TYR B 173 -3.52 1.29 -31.19
N ASP B 174 -2.48 1.67 -31.95
CA ASP B 174 -2.31 3.01 -32.50
C ASP B 174 -3.11 3.22 -33.79
N THR B 175 -2.87 2.38 -34.83
CA THR B 175 -3.55 2.48 -36.12
C THR B 175 -4.56 1.36 -36.38
N LYS B 176 -4.33 0.15 -35.82
CA LYS B 176 -5.21 -1.01 -35.98
C LYS B 176 -6.59 -0.73 -35.36
N GLN B 177 -7.65 -0.97 -36.15
CA GLN B 177 -9.03 -0.71 -35.77
C GLN B 177 -9.64 -1.79 -34.86
N GLU B 178 -9.06 -1.95 -33.66
CA GLU B 178 -9.49 -2.90 -32.63
C GLU B 178 -9.38 -2.22 -31.26
N ASP B 179 -10.54 -1.94 -30.63
CA ASP B 179 -10.65 -1.27 -29.34
C ASP B 179 -12.04 -1.52 -28.71
N ALA B 180 -12.18 -1.27 -27.39
CA ALA B 180 -13.45 -1.38 -26.67
C ALA B 180 -14.31 -0.16 -27.03
N CYS B 181 -15.64 -0.30 -26.97
CA CYS B 181 -16.56 0.80 -27.32
C CYS B 181 -17.65 1.04 -26.27
N GLN B 182 -18.66 1.89 -26.60
CA GLN B 182 -19.79 2.22 -25.72
C GLN B 182 -20.63 0.98 -25.47
N GLY B 183 -20.88 0.69 -24.20
CA GLY B 183 -21.62 -0.49 -23.76
C GLY B 183 -20.73 -1.45 -23.01
N ASP B 184 -19.41 -1.43 -23.32
CA ASP B 184 -18.39 -2.26 -22.68
C ASP B 184 -17.95 -1.67 -21.33
N SER B 185 -18.20 -0.35 -21.12
CA SER B 185 -17.86 0.41 -19.91
C SER B 185 -18.32 -0.26 -18.62
N GLY B 186 -17.40 -0.39 -17.66
CA GLY B 186 -17.61 -1.03 -16.38
C GLY B 186 -17.22 -2.50 -16.40
N GLY B 187 -16.88 -3.00 -17.59
CA GLY B 187 -16.49 -4.39 -17.83
C GLY B 187 -15.09 -4.76 -17.38
N PRO B 188 -14.65 -6.02 -17.66
CA PRO B 188 -13.32 -6.43 -17.20
C PRO B 188 -12.15 -6.27 -18.17
N HIS B 189 -10.95 -6.18 -17.57
CA HIS B 189 -9.65 -6.15 -18.25
C HIS B 189 -8.79 -7.13 -17.44
N VAL B 190 -8.67 -8.36 -17.94
CA VAL B 190 -7.92 -9.42 -17.26
C VAL B 190 -6.55 -9.67 -17.87
N THR B 191 -5.56 -9.95 -17.02
CA THR B 191 -4.19 -10.25 -17.43
C THR B 191 -3.87 -11.70 -17.11
N ARG B 192 -3.36 -12.44 -18.10
CA ARG B 192 -3.04 -13.85 -17.97
C ARG B 192 -1.61 -14.08 -17.45
N PHE B 193 -1.49 -14.84 -16.37
CA PHE B 193 -0.23 -15.27 -15.78
C PHE B 193 -0.34 -16.78 -15.62
N LYS B 194 0.42 -17.52 -16.44
CA LYS B 194 0.43 -18.99 -16.55
C LYS B 194 -0.92 -19.45 -17.13
N ASP B 195 -1.87 -19.88 -16.27
CA ASP B 195 -3.21 -20.32 -16.70
C ASP B 195 -4.33 -19.70 -15.84
N THR B 196 -3.99 -18.65 -15.07
CA THR B 196 -4.92 -17.93 -14.19
C THR B 196 -5.06 -16.46 -14.63
N TYR B 197 -6.30 -15.96 -14.66
CA TYR B 197 -6.64 -14.58 -15.05
C TYR B 197 -6.91 -13.71 -13.82
N PHE B 198 -6.32 -12.49 -13.79
CA PHE B 198 -6.44 -11.56 -12.67
C PHE B 198 -7.02 -10.22 -13.11
N VAL B 199 -7.86 -9.59 -12.26
CA VAL B 199 -8.47 -8.28 -12.54
C VAL B 199 -7.39 -7.20 -12.46
N THR B 200 -7.11 -6.53 -13.59
CA THR B 200 -6.10 -5.47 -13.66
C THR B 200 -6.66 -4.10 -14.01
N GLY B 201 -7.77 -4.07 -14.75
CA GLY B 201 -8.40 -2.84 -15.17
C GLY B 201 -9.92 -2.89 -15.30
N ILE B 202 -10.53 -1.69 -15.35
CA ILE B 202 -11.98 -1.49 -15.51
C ILE B 202 -12.18 -0.63 -16.76
N VAL B 203 -13.02 -1.10 -17.70
CA VAL B 203 -13.34 -0.40 -18.96
C VAL B 203 -13.99 0.95 -18.60
N SER B 204 -13.28 2.06 -18.85
CA SER B 204 -13.73 3.41 -18.48
C SER B 204 -14.18 4.33 -19.62
N TRP B 205 -13.23 5.01 -20.29
CA TRP B 205 -13.53 5.96 -21.37
C TRP B 205 -12.53 5.89 -22.54
N GLY B 206 -12.76 6.71 -23.56
CA GLY B 206 -11.93 6.82 -24.75
C GLY B 206 -12.49 7.80 -25.75
N GLU B 207 -11.59 8.56 -26.43
CA GLU B 207 -11.96 9.54 -27.47
C GLU B 207 -12.44 8.76 -28.70
N GLY B 208 -13.74 8.47 -28.71
CA GLY B 208 -14.37 7.67 -29.76
C GLY B 208 -14.02 6.20 -29.59
N CYS B 209 -14.10 5.43 -30.69
CA CYS B 209 -13.78 4.01 -30.67
C CYS B 209 -12.85 3.65 -31.83
N ALA B 210 -11.67 3.07 -31.49
CA ALA B 210 -10.60 2.62 -32.40
C ALA B 210 -10.05 3.70 -33.36
N ARG B 211 -10.04 4.98 -32.94
CA ARG B 211 -9.52 6.08 -33.75
C ARG B 211 -8.00 6.01 -33.88
N LYS B 212 -7.46 6.39 -35.06
CA LYS B 212 -6.02 6.37 -35.34
C LYS B 212 -5.28 7.42 -34.51
N GLY B 213 -4.37 6.94 -33.67
CA GLY B 213 -3.57 7.77 -32.77
C GLY B 213 -4.15 7.86 -31.37
N LYS B 214 -5.28 7.19 -31.13
CA LYS B 214 -5.97 7.17 -29.83
C LYS B 214 -6.00 5.78 -29.21
N TYR B 215 -5.89 5.70 -27.87
CA TYR B 215 -5.90 4.43 -27.12
C TYR B 215 -7.11 4.33 -26.18
N GLY B 216 -7.28 3.15 -25.58
CA GLY B 216 -8.34 2.87 -24.62
C GLY B 216 -7.91 3.21 -23.21
N ILE B 217 -8.76 3.95 -22.46
CA ILE B 217 -8.46 4.36 -21.09
C ILE B 217 -9.15 3.44 -20.08
N TYR B 218 -8.37 2.90 -19.13
CA TYR B 218 -8.85 1.97 -18.11
C TYR B 218 -8.51 2.42 -16.69
N THR B 219 -9.35 2.04 -15.71
CA THR B 219 -9.15 2.36 -14.30
C THR B 219 -8.15 1.37 -13.70
N LYS B 220 -7.05 1.88 -13.12
CA LYS B 220 -5.99 1.09 -12.50
C LYS B 220 -6.48 0.43 -11.21
N VAL B 221 -6.72 -0.90 -11.25
CA VAL B 221 -7.21 -1.71 -10.14
C VAL B 221 -6.20 -1.77 -8.96
N THR B 222 -4.89 -1.77 -9.28
CA THR B 222 -3.79 -1.80 -8.29
C THR B 222 -3.85 -0.65 -7.29
N ALA B 223 -4.32 0.54 -7.72
CA ALA B 223 -4.45 1.73 -6.89
C ALA B 223 -5.62 1.64 -5.89
N PHE B 224 -6.54 0.68 -6.09
CA PHE B 224 -7.72 0.52 -5.22
C PHE B 224 -7.90 -0.89 -4.62
N LEU B 225 -6.83 -1.71 -4.60
CA LEU B 225 -6.89 -3.08 -4.07
C LEU B 225 -7.25 -3.18 -2.58
N LYS B 226 -6.76 -2.25 -1.76
CA LYS B 226 -7.08 -2.20 -0.32
C LYS B 226 -8.51 -1.70 -0.12
N TRP B 227 -8.98 -0.81 -1.02
CA TRP B 227 -10.31 -0.22 -1.02
C TRP B 227 -11.40 -1.25 -1.36
N ILE B 228 -11.10 -2.19 -2.30
CA ILE B 228 -12.01 -3.26 -2.73
C ILE B 228 -12.26 -4.26 -1.58
N ASP B 229 -11.18 -4.74 -0.92
CA ASP B 229 -11.23 -5.68 0.21
C ASP B 229 -11.92 -5.08 1.45
N ARG B 230 -11.84 -3.74 1.60
CA ARG B 230 -12.45 -2.97 2.69
C ARG B 230 -13.99 -3.02 2.57
N SER B 231 -14.50 -2.89 1.33
CA SER B 231 -15.93 -2.93 1.01
C SER B 231 -16.49 -4.35 1.05
N MET B 232 -15.61 -5.37 0.92
CA MET B 232 -15.97 -6.79 0.92
C MET B 232 -16.08 -7.40 2.34
N LYS B 233 -16.47 -6.58 3.34
CA LYS B 233 -16.65 -7.01 4.73
C LYS B 233 -18.11 -6.98 5.17
N THR B 234 -18.84 -5.90 4.82
CA THR B 234 -20.26 -5.72 5.16
C THR B 234 -21.13 -5.53 3.91
N ARG B 235 -22.22 -6.13 3.85
N LYS C 44 -9.24 16.93 -3.62
CA LYS C 44 -10.56 16.93 -2.99
C LYS C 44 -10.53 16.29 -1.60
N LEU C 45 -11.24 16.93 -0.64
CA LEU C 45 -11.36 16.53 0.77
C LEU C 45 -10.02 16.40 1.52
N CYS C 46 -9.57 15.17 1.85
CA CYS C 46 -8.30 14.92 2.56
C CYS C 46 -7.06 15.24 1.70
N SER C 47 -7.22 15.24 0.36
CA SER C 47 -6.14 15.53 -0.58
C SER C 47 -5.80 17.03 -0.62
N LEU C 48 -6.82 17.90 -0.42
CA LEU C 48 -6.67 19.35 -0.41
C LEU C 48 -6.52 19.86 1.03
N ASP C 49 -5.29 20.32 1.39
CA ASP C 49 -4.89 20.86 2.68
C ASP C 49 -5.24 19.97 3.90
N ASN C 50 -5.14 18.63 3.71
CA ASN C 50 -5.43 17.59 4.73
C ASN C 50 -6.84 17.70 5.34
N GLY C 51 -7.77 18.30 4.59
CA GLY C 51 -9.16 18.54 4.99
C GLY C 51 -9.28 19.48 6.17
N ASP C 52 -8.30 20.39 6.33
CA ASP C 52 -8.18 21.37 7.42
C ASP C 52 -7.95 20.72 8.81
N CYS C 53 -7.66 19.40 8.86
CA CYS C 53 -7.39 18.64 10.08
C CYS C 53 -5.99 18.96 10.59
N ASP C 54 -5.81 18.95 11.92
CA ASP C 54 -4.52 19.18 12.57
C ASP C 54 -3.66 17.93 12.46
N GLN C 55 -4.29 16.74 12.56
CA GLN C 55 -3.60 15.45 12.49
C GLN C 55 -4.15 14.53 11.38
N PHE C 56 -4.77 13.38 11.74
CA PHE C 56 -5.29 12.39 10.79
C PHE C 56 -6.55 12.82 10.04
N CYS C 57 -6.65 12.40 8.76
CA CYS C 57 -7.79 12.66 7.87
C CYS C 57 -8.24 11.36 7.21
N HIS C 58 -9.57 11.10 7.24
CA HIS C 58 -10.18 9.92 6.62
C HIS C 58 -11.60 10.20 6.14
N GLU C 59 -11.90 9.80 4.89
CA GLU C 59 -13.19 9.99 4.22
C GLU C 59 -14.12 8.80 4.43
N GLU C 60 -15.41 9.09 4.70
CA GLU C 60 -16.47 8.08 4.92
C GLU C 60 -17.84 8.60 4.49
N GLN C 61 -18.22 8.29 3.22
CA GLN C 61 -19.48 8.68 2.55
C GLN C 61 -19.69 10.21 2.62
N ASN C 62 -18.76 10.96 1.99
CA ASN C 62 -18.69 12.43 1.93
C ASN C 62 -18.43 13.10 3.30
N SER C 63 -17.86 14.33 3.27
CA SER C 63 -17.49 15.17 4.42
C SER C 63 -16.27 14.62 5.19
N VAL C 64 -15.28 15.50 5.41
CA VAL C 64 -14.02 15.21 6.10
C VAL C 64 -14.22 14.91 7.59
N VAL C 65 -13.52 13.88 8.10
CA VAL C 65 -13.54 13.46 9.51
C VAL C 65 -12.10 13.55 10.05
N CYS C 66 -11.88 14.43 11.05
CA CYS C 66 -10.57 14.63 11.68
C CYS C 66 -10.45 13.84 12.98
N SER C 67 -9.25 13.28 13.25
CA SER C 67 -8.95 12.52 14.46
C SER C 67 -7.55 12.83 14.99
N CYS C 68 -7.35 12.67 16.31
CA CYS C 68 -6.08 12.96 16.99
C CYS C 68 -5.46 11.71 17.63
N ALA C 69 -4.13 11.73 17.84
CA ALA C 69 -3.36 10.65 18.45
C ALA C 69 -3.51 10.63 19.98
N ARG C 70 -2.96 9.59 20.66
CA ARG C 70 -3.00 9.41 22.12
C ARG C 70 -2.34 10.59 22.84
N GLY C 71 -3.06 11.16 23.80
CA GLY C 71 -2.61 12.31 24.57
C GLY C 71 -3.13 13.63 24.03
N TYR C 72 -4.11 13.57 23.11
CA TYR C 72 -4.76 14.72 22.48
C TYR C 72 -6.28 14.55 22.48
N THR C 73 -7.01 15.69 22.46
CA THR C 73 -8.48 15.73 22.40
C THR C 73 -8.92 16.62 21.24
N LEU C 74 -9.94 16.18 20.49
CA LEU C 74 -10.48 16.91 19.34
C LEU C 74 -11.23 18.17 19.80
N ALA C 75 -10.88 19.32 19.20
CA ALA C 75 -11.48 20.64 19.50
C ALA C 75 -12.93 20.75 19.02
N ASP C 76 -13.65 21.79 19.50
CA ASP C 76 -15.05 22.09 19.17
C ASP C 76 -15.32 22.23 17.67
N ASN C 77 -14.32 22.73 16.90
CA ASN C 77 -14.40 22.88 15.45
C ASN C 77 -14.33 21.53 14.72
N GLY C 78 -13.83 20.50 15.41
CA GLY C 78 -13.69 19.15 14.89
C GLY C 78 -12.56 19.02 13.88
N LYS C 79 -11.49 19.81 14.05
CA LYS C 79 -10.32 19.84 13.17
C LYS C 79 -9.02 19.90 13.96
N ALA C 80 -8.93 20.83 14.93
CA ALA C 80 -7.75 21.05 15.77
C ALA C 80 -7.59 20.00 16.88
N CYS C 81 -6.34 19.72 17.26
CA CYS C 81 -5.99 18.77 18.32
C CYS C 81 -5.46 19.54 19.53
N ILE C 82 -6.13 19.39 20.69
CA ILE C 82 -5.78 20.06 21.94
C ILE C 82 -5.16 19.04 22.93
N PRO C 83 -3.95 19.29 23.47
CA PRO C 83 -3.35 18.32 24.41
C PRO C 83 -4.09 18.19 25.75
N THR C 84 -4.20 16.95 26.24
CA THR C 84 -4.85 16.62 27.52
C THR C 84 -3.87 16.66 28.71
N GLY C 85 -2.59 16.81 28.41
CA GLY C 85 -1.50 16.89 29.38
C GLY C 85 -0.47 17.96 29.05
N PRO C 86 0.49 18.23 29.98
CA PRO C 86 1.49 19.28 29.69
C PRO C 86 2.56 18.89 28.67
N TYR C 87 2.82 17.58 28.49
CA TYR C 87 3.82 17.09 27.55
C TYR C 87 3.22 16.11 26.52
N PRO C 88 2.60 16.63 25.43
CA PRO C 88 2.02 15.72 24.42
C PRO C 88 3.09 15.15 23.48
N CYS C 89 2.73 14.12 22.69
CA CYS C 89 3.65 13.49 21.75
C CYS C 89 3.94 14.38 20.54
N GLY C 90 5.12 14.19 19.95
CA GLY C 90 5.58 14.89 18.75
C GLY C 90 5.82 16.39 18.86
N LYS C 91 5.83 16.94 20.08
CA LYS C 91 6.05 18.37 20.28
C LYS C 91 7.43 18.68 20.86
N GLN C 92 8.17 19.59 20.21
CA GLN C 92 9.50 20.02 20.65
C GLN C 92 9.33 20.92 21.88
N THR C 93 9.63 20.35 23.06
CA THR C 93 9.49 20.97 24.37
C THR C 93 10.40 22.17 24.59
N LEU C 94 9.92 23.12 25.40
CA LEU C 94 10.63 24.35 25.77
C LEU C 94 10.69 24.50 27.30
N GLU C 95 9.64 24.06 28.01
CA GLU C 95 9.50 24.14 29.47
C GLU C 95 9.90 22.81 30.12
N ARG C 96 10.42 22.85 31.27
N ILE D 1 25.88 9.66 13.46
CA ILE D 1 25.41 10.59 12.44
C ILE D 1 26.60 11.24 11.72
N VAL D 2 26.64 11.12 10.38
CA VAL D 2 27.67 11.73 9.54
C VAL D 2 27.13 13.10 9.10
N GLY D 3 27.80 14.15 9.55
CA GLY D 3 27.40 15.53 9.28
C GLY D 3 26.26 15.97 10.17
N GLY D 4 25.40 16.84 9.64
CA GLY D 4 24.24 17.36 10.35
C GLY D 4 24.57 18.30 11.50
N GLN D 5 23.58 18.49 12.40
CA GLN D 5 23.69 19.36 13.58
C GLN D 5 23.38 18.56 14.86
N GLU D 6 23.80 19.07 16.03
CA GLU D 6 23.53 18.40 17.31
C GLU D 6 22.17 18.79 17.91
N CYS D 7 21.52 17.86 18.64
CA CYS D 7 20.23 18.08 19.30
C CYS D 7 20.37 19.07 20.45
N LYS D 8 19.54 20.12 20.44
CA LYS D 8 19.53 21.15 21.50
C LYS D 8 18.46 20.82 22.55
N ASP D 9 18.30 21.67 23.59
CA ASP D 9 17.33 21.47 24.66
C ASP D 9 15.88 21.39 24.15
N GLY D 10 15.31 20.19 24.19
CA GLY D 10 13.94 19.91 23.75
C GLY D 10 13.78 19.56 22.29
N GLU D 11 14.88 19.57 21.51
CA GLU D 11 14.87 19.27 20.07
C GLU D 11 14.61 17.79 19.77
N CYS D 12 15.31 16.88 20.48
CA CYS D 12 15.18 15.44 20.29
C CYS D 12 14.74 14.75 21.61
N PRO D 13 13.47 14.91 22.06
CA PRO D 13 13.06 14.30 23.34
C PRO D 13 12.57 12.85 23.27
N TRP D 14 12.35 12.32 22.07
CA TRP D 14 11.89 10.95 21.83
C TRP D 14 13.03 9.92 21.82
N GLN D 15 14.29 10.41 21.85
CA GLN D 15 15.50 9.59 21.84
C GLN D 15 15.69 8.79 23.13
N ALA D 16 16.04 7.49 22.97
CA ALA D 16 16.30 6.56 24.05
C ALA D 16 17.63 5.83 23.76
N LEU D 17 18.47 5.65 24.79
CA LEU D 17 19.77 5.00 24.64
C LEU D 17 19.81 3.65 25.37
N LEU D 18 20.17 2.59 24.64
CA LEU D 18 20.29 1.24 25.20
C LEU D 18 21.71 1.06 25.73
N ILE D 19 21.81 0.83 27.04
CA ILE D 19 23.10 0.68 27.75
C ILE D 19 23.32 -0.71 28.33
N ASN D 20 24.59 -1.15 28.36
CA ASN D 20 24.99 -2.46 28.90
C ASN D 20 25.31 -2.38 30.41
N GLU D 21 26.00 -3.39 30.96
CA GLU D 21 26.40 -3.46 32.37
C GLU D 21 27.48 -2.43 32.77
N GLU D 22 28.25 -1.90 31.78
CA GLU D 22 29.30 -0.91 32.00
C GLU D 22 28.88 0.51 31.57
N ASN D 23 27.54 0.78 31.53
CA ASN D 23 26.92 2.06 31.16
C ASN D 23 27.21 2.54 29.71
N GLU D 24 27.89 1.69 28.91
CA GLU D 24 28.24 1.99 27.52
C GLU D 24 27.03 1.79 26.60
N GLY D 25 26.79 2.77 25.74
CA GLY D 25 25.68 2.76 24.78
C GLY D 25 26.01 2.00 23.52
N PHE D 26 25.10 1.11 23.09
CA PHE D 26 25.28 0.28 21.89
C PHE D 26 24.24 0.51 20.79
N CYS D 27 23.00 0.87 21.17
CA CYS D 27 21.90 1.09 20.23
C CYS D 27 20.94 2.20 20.65
N GLY D 28 20.24 2.78 19.68
CA GLY D 28 19.25 3.82 19.89
C GLY D 28 17.85 3.27 20.09
N GLY D 29 16.91 4.17 20.38
CA GLY D 29 15.51 3.84 20.61
C GLY D 29 14.56 5.02 20.53
N THR D 30 13.25 4.73 20.42
CA THR D 30 12.19 5.73 20.32
C THR D 30 11.17 5.56 21.44
N ILE D 31 10.82 6.66 22.12
CA ILE D 31 9.82 6.67 23.20
C ILE D 31 8.43 6.77 22.57
N LEU D 32 7.55 5.79 22.87
CA LEU D 32 6.19 5.75 22.34
C LEU D 32 5.16 6.22 23.38
N SER D 33 5.33 5.77 24.64
CA SER D 33 4.48 6.10 25.78
C SER D 33 5.28 6.02 27.09
N GLU D 34 4.60 5.96 28.25
CA GLU D 34 5.22 5.88 29.57
C GLU D 34 5.95 4.55 29.82
N PHE D 35 5.47 3.44 29.20
CA PHE D 35 6.03 2.11 29.39
C PHE D 35 6.70 1.48 28.15
N TYR D 36 6.44 2.02 26.94
CA TYR D 36 6.96 1.41 25.71
C TYR D 36 8.04 2.14 24.93
N ILE D 37 9.07 1.36 24.50
CA ILE D 37 10.23 1.82 23.72
C ILE D 37 10.33 1.01 22.41
N LEU D 38 10.51 1.70 21.28
CA LEU D 38 10.65 1.09 19.96
C LEU D 38 12.11 1.07 19.53
N THR D 39 12.61 -0.12 19.14
CA THR D 39 13.99 -0.34 18.69
C THR D 39 14.07 -1.43 17.60
N ALA D 40 15.31 -1.75 17.14
CA ALA D 40 15.56 -2.77 16.13
C ALA D 40 15.86 -4.12 16.78
N ALA D 41 15.46 -5.22 16.11
CA ALA D 41 15.65 -6.59 16.60
C ALA D 41 17.12 -7.03 16.64
N HIS D 42 17.96 -6.50 15.74
CA HIS D 42 19.40 -6.83 15.67
C HIS D 42 20.19 -6.28 16.87
N CYS D 43 19.65 -5.23 17.53
CA CYS D 43 20.25 -4.58 18.70
C CYS D 43 20.22 -5.45 19.96
N LEU D 44 19.39 -6.50 19.97
CA LEU D 44 19.22 -7.42 21.09
C LEU D 44 20.18 -8.64 21.00
N TYR D 45 21.35 -8.41 20.37
CA TYR D 45 22.42 -9.39 20.17
C TYR D 45 23.76 -8.80 20.62
N GLN D 46 23.84 -7.46 20.72
CA GLN D 46 25.02 -6.70 21.11
C GLN D 46 25.36 -6.92 22.59
N ALA D 47 24.35 -6.71 23.48
CA ALA D 47 24.50 -6.88 24.92
C ALA D 47 23.18 -7.26 25.59
N LYS D 48 23.25 -8.23 26.52
CA LYS D 48 22.11 -8.75 27.28
C LYS D 48 22.57 -9.39 28.62
N ARG D 49 22.04 -8.96 29.80
CA ARG D 49 21.00 -7.94 30.02
C ARG D 49 21.43 -6.49 29.73
N PHE D 50 20.45 -5.62 29.44
CA PHE D 50 20.63 -4.21 29.09
C PHE D 50 19.61 -3.30 29.82
N LYS D 51 19.88 -1.98 29.82
CA LYS D 51 19.03 -0.96 30.45
C LYS D 51 18.71 0.19 29.46
N VAL D 52 17.67 0.99 29.77
CA VAL D 52 17.23 2.11 28.92
C VAL D 52 17.50 3.47 29.58
N ARG D 53 18.18 4.37 28.85
CA ARG D 53 18.49 5.73 29.28
C ARG D 53 17.67 6.75 28.49
N VAL D 54 17.01 7.68 29.21
CA VAL D 54 16.17 8.72 28.63
C VAL D 54 16.64 10.12 29.04
N GLY D 55 16.44 11.11 28.16
CA GLY D 55 16.84 12.50 28.37
C GLY D 55 18.33 12.74 28.36
N ASP D 56 19.09 11.86 27.67
CA ASP D 56 20.53 11.93 27.55
C ASP D 56 20.92 12.63 26.24
N ARG D 57 21.81 13.64 26.34
CA ARG D 57 22.31 14.42 25.20
C ARG D 57 23.84 14.36 25.14
N ASN D 58 24.50 14.20 26.30
CA ASN D 58 25.95 14.13 26.45
C ASN D 58 26.34 12.93 27.32
N THR D 59 27.16 12.01 26.80
CA THR D 59 27.58 10.78 27.49
C THR D 59 28.70 10.93 28.52
N GLU D 60 29.71 11.78 28.26
CA GLU D 60 30.87 11.99 29.14
C GLU D 60 30.57 12.63 30.51
N GLN D 61 29.37 13.25 30.66
CA GLN D 61 28.94 13.91 31.89
C GLN D 61 27.43 13.79 32.08
N GLU D 62 26.99 13.57 33.34
CA GLU D 62 25.57 13.44 33.69
C GLU D 62 24.87 14.80 33.61
N GLU D 63 23.66 14.80 33.03
CA GLU D 63 22.84 16.02 32.84
C GLU D 63 21.57 15.96 33.68
N GLY D 64 21.09 17.14 34.08
CA GLY D 64 19.88 17.30 34.87
C GLY D 64 18.63 17.02 34.06
N GLY D 65 18.20 15.76 34.09
CA GLY D 65 17.03 15.29 33.35
C GLY D 65 17.16 13.85 32.88
N GLU D 66 18.35 13.24 33.10
CA GLU D 66 18.64 11.86 32.73
C GLU D 66 18.00 10.86 33.69
N ALA D 67 17.48 9.75 33.15
CA ALA D 67 16.83 8.69 33.94
C ALA D 67 17.11 7.30 33.38
N VAL D 68 17.28 6.31 34.27
CA VAL D 68 17.54 4.91 33.92
C VAL D 68 16.32 4.05 34.26
N HIS D 69 15.78 3.34 33.26
CA HIS D 69 14.63 2.45 33.38
C HIS D 69 15.02 1.03 32.98
N GLU D 70 14.56 0.03 33.74
CA GLU D 70 14.85 -1.37 33.44
C GLU D 70 13.73 -2.06 32.65
N VAL D 71 14.11 -2.92 31.70
CA VAL D 71 13.19 -3.64 30.80
C VAL D 71 12.53 -4.83 31.52
N GLU D 72 11.19 -4.94 31.37
CA GLU D 72 10.39 -6.01 31.95
C GLU D 72 10.13 -7.10 30.90
N VAL D 73 9.56 -6.72 29.73
CA VAL D 73 9.24 -7.64 28.63
C VAL D 73 9.95 -7.17 27.34
N VAL D 74 10.64 -8.11 26.66
CA VAL D 74 11.36 -7.86 25.41
C VAL D 74 10.57 -8.51 24.25
N ILE D 75 9.77 -7.71 23.53
CA ILE D 75 8.96 -8.21 22.42
C ILE D 75 9.71 -8.09 21.08
N LYS D 76 10.55 -9.09 20.79
CA LYS D 76 11.34 -9.18 19.56
C LYS D 76 10.49 -9.91 18.51
N HIS D 77 10.53 -9.43 17.25
CA HIS D 77 9.76 -10.03 16.15
C HIS D 77 10.32 -11.41 15.81
N ASN D 78 9.43 -12.43 15.78
CA ASN D 78 9.77 -13.82 15.50
C ASN D 78 10.28 -14.08 14.08
N ARG D 79 9.87 -13.24 13.12
CA ARG D 79 10.25 -13.36 11.72
C ARG D 79 11.57 -12.64 11.34
N PHE D 80 12.34 -12.19 12.35
CA PHE D 80 13.62 -11.50 12.15
C PHE D 80 14.70 -12.44 11.61
N THR D 81 15.44 -11.98 10.58
CA THR D 81 16.51 -12.73 9.94
C THR D 81 17.76 -11.85 9.86
N LYS D 82 18.85 -12.27 10.53
CA LYS D 82 20.13 -11.55 10.59
C LYS D 82 20.87 -11.48 9.23
N GLU D 83 20.57 -12.42 8.31
CA GLU D 83 21.18 -12.53 6.99
C GLU D 83 20.78 -11.39 6.03
N THR D 84 19.58 -10.79 6.23
CA THR D 84 19.05 -9.71 5.38
C THR D 84 18.55 -8.48 6.17
N TYR D 85 18.26 -8.66 7.48
CA TYR D 85 17.73 -7.65 8.42
C TYR D 85 16.23 -7.36 8.17
N ASP D 86 15.50 -8.36 7.63
CA ASP D 86 14.06 -8.27 7.39
C ASP D 86 13.36 -8.51 8.73
N PHE D 87 12.24 -7.78 8.98
CA PHE D 87 11.46 -7.82 10.23
C PHE D 87 12.32 -7.35 11.41
N ASP D 88 13.07 -6.25 11.21
CA ASP D 88 13.96 -5.66 12.20
C ASP D 88 13.20 -4.68 13.11
N ILE D 89 12.27 -5.23 13.90
CA ILE D 89 11.43 -4.48 14.83
C ILE D 89 11.35 -5.15 16.22
N ALA D 90 11.46 -4.34 17.28
CA ALA D 90 11.39 -4.78 18.67
C ALA D 90 10.71 -3.72 19.56
N VAL D 91 9.77 -4.16 20.41
CA VAL D 91 9.04 -3.30 21.36
C VAL D 91 9.45 -3.72 22.77
N LEU D 92 9.89 -2.75 23.60
CA LEU D 92 10.32 -3.01 24.97
C LEU D 92 9.35 -2.44 26.00
N ARG D 93 8.96 -3.26 26.99
CA ARG D 93 8.10 -2.83 28.09
C ARG D 93 8.97 -2.59 29.31
N LEU D 94 8.77 -1.44 29.99
CA LEU D 94 9.56 -1.05 31.16
C LEU D 94 8.83 -1.33 32.48
N LYS D 95 9.60 -1.54 33.56
CA LYS D 95 9.08 -1.80 34.90
C LYS D 95 8.43 -0.57 35.54
N THR D 96 9.04 0.63 35.34
CA THR D 96 8.57 1.89 35.89
C THR D 96 8.13 2.89 34.80
N PRO D 97 7.04 3.69 35.02
CA PRO D 97 6.61 4.64 33.99
C PRO D 97 7.56 5.81 33.79
N ILE D 98 7.64 6.31 32.55
CA ILE D 98 8.49 7.45 32.18
C ILE D 98 7.81 8.78 32.52
N THR D 99 8.55 9.68 33.19
CA THR D 99 8.07 11.02 33.53
C THR D 99 8.51 11.95 32.41
N PHE D 100 7.53 12.61 31.77
CA PHE D 100 7.81 13.51 30.66
C PHE D 100 8.21 14.92 31.12
N ARG D 101 9.30 15.45 30.53
CA ARG D 101 9.85 16.78 30.83
C ARG D 101 10.49 17.44 29.58
N MET D 102 11.46 18.35 29.77
CA MET D 102 12.12 19.09 28.68
C MET D 102 12.89 18.19 27.70
N ASN D 103 13.67 17.21 28.19
CA ASN D 103 14.43 16.32 27.32
C ASN D 103 13.80 14.93 27.16
N VAL D 104 12.62 14.69 27.79
CA VAL D 104 11.90 13.42 27.72
C VAL D 104 10.44 13.66 27.31
N ALA D 105 10.06 13.19 26.11
CA ALA D 105 8.71 13.29 25.56
C ALA D 105 8.48 12.18 24.52
N PRO D 106 7.26 11.62 24.37
CA PRO D 106 7.08 10.56 23.36
C PRO D 106 6.83 11.11 21.96
N ALA D 107 6.79 10.20 20.96
CA ALA D 107 6.50 10.52 19.57
C ALA D 107 5.23 9.78 19.17
N CYS D 108 4.30 10.48 18.48
CA CYS D 108 3.01 9.92 18.09
C CYS D 108 3.10 8.77 17.10
N LEU D 109 2.26 7.74 17.31
CA LEU D 109 2.15 6.60 16.42
C LEU D 109 1.04 6.95 15.41
N PRO D 110 1.39 7.16 14.12
CA PRO D 110 0.37 7.57 13.15
C PRO D 110 -0.54 6.44 12.70
N GLU D 111 -1.63 6.81 12.01
CA GLU D 111 -2.59 5.87 11.44
C GLU D 111 -2.05 5.40 10.09
N ARG D 112 -2.04 4.06 9.87
CA ARG D 112 -1.53 3.36 8.69
C ARG D 112 -1.85 3.99 7.32
N ASP D 113 -3.13 4.33 7.08
CA ASP D 113 -3.58 4.92 5.82
C ASP D 113 -3.10 6.37 5.64
N TRP D 114 -3.18 7.18 6.72
CA TRP D 114 -2.75 8.58 6.72
C TRP D 114 -1.24 8.74 6.59
N ALA D 115 -0.46 7.83 7.21
CA ALA D 115 1.01 7.84 7.16
C ALA D 115 1.54 7.51 5.77
N GLU D 116 0.84 6.63 5.02
CA GLU D 116 1.20 6.22 3.67
C GLU D 116 0.86 7.32 2.66
N SER D 117 -0.31 7.98 2.86
CA SER D 117 -0.83 9.03 1.99
C SER D 117 -0.25 10.42 2.23
N THR D 118 0.02 10.77 3.50
CA THR D 118 0.52 12.11 3.86
C THR D 118 1.98 12.17 4.31
N LEU D 119 2.38 11.30 5.27
CA LEU D 119 3.74 11.29 5.81
C LEU D 119 4.82 10.77 4.87
N MET D 120 4.54 9.66 4.15
CA MET D 120 5.49 9.06 3.20
C MET D 120 5.69 9.93 1.95
N THR D 121 4.67 10.76 1.62
CA THR D 121 4.68 11.68 0.47
C THR D 121 5.45 12.98 0.75
N GLN D 122 5.89 13.19 2.02
CA GLN D 122 6.66 14.36 2.45
C GLN D 122 8.06 14.34 1.82
N LYS D 123 8.69 15.52 1.69
CA LYS D 123 10.02 15.66 1.10
C LYS D 123 11.15 15.11 1.97
N THR D 124 11.19 15.46 3.27
CA THR D 124 12.25 15.05 4.20
C THR D 124 11.76 14.37 5.49
N GLY D 125 12.72 13.77 6.21
CA GLY D 125 12.54 13.11 7.50
C GLY D 125 13.71 13.45 8.41
N ILE D 126 13.55 13.26 9.74
CA ILE D 126 14.60 13.57 10.72
C ILE D 126 15.07 12.34 11.50
N VAL D 127 16.40 12.08 11.48
CA VAL D 127 17.06 10.98 12.18
C VAL D 127 17.98 11.49 13.29
N SER D 128 18.05 10.76 14.41
CA SER D 128 18.89 11.11 15.56
C SER D 128 19.58 9.89 16.20
N GLY D 129 20.66 10.16 16.94
CA GLY D 129 21.43 9.12 17.62
C GLY D 129 22.81 9.51 18.10
N PHE D 130 23.44 8.62 18.89
CA PHE D 130 24.78 8.77 19.46
C PHE D 130 25.84 7.97 18.66
N GLY D 131 25.51 7.68 17.40
CA GLY D 131 26.36 6.91 16.49
C GLY D 131 27.66 7.55 16.06
N ARG D 132 28.37 6.85 15.14
CA ARG D 132 29.66 7.26 14.59
C ARG D 132 29.54 8.52 13.72
N THR D 133 30.55 9.41 13.82
CA THR D 133 30.63 10.65 13.04
C THR D 133 31.18 10.35 11.63
N HIS D 134 32.03 9.30 11.54
CA HIS D 134 32.64 8.82 10.30
C HIS D 134 32.52 7.30 10.24
N GLU D 135 32.52 6.72 9.01
CA GLU D 135 32.38 5.28 8.75
C GLU D 135 33.33 4.39 9.58
N LYS D 136 34.60 4.82 9.75
CA LYS D 136 35.62 4.09 10.50
C LYS D 136 35.90 4.74 11.87
N GLY D 137 35.31 5.92 12.10
CA GLY D 137 35.48 6.71 13.32
C GLY D 137 34.85 6.15 14.59
N ARG D 138 34.92 6.95 15.67
CA ARG D 138 34.39 6.62 16.99
C ARG D 138 32.96 7.16 17.18
N GLN D 139 32.22 6.62 18.16
CA GLN D 139 30.86 7.05 18.48
C GLN D 139 30.84 8.45 19.09
N SER D 140 29.88 9.28 18.67
CA SER D 140 29.72 10.66 19.13
C SER D 140 29.28 10.73 20.59
N THR D 141 29.94 11.59 21.37
CA THR D 141 29.63 11.83 22.79
C THR D 141 28.38 12.70 22.92
N ARG D 142 28.08 13.51 21.88
CA ARG D 142 26.93 14.41 21.80
C ARG D 142 25.84 13.85 20.89
N LEU D 143 24.57 14.08 21.27
CA LEU D 143 23.40 13.63 20.49
C LEU D 143 23.25 14.52 19.24
N LYS D 144 23.26 13.89 18.05
CA LYS D 144 23.18 14.57 16.76
C LYS D 144 21.90 14.23 15.99
N MET D 145 21.40 15.19 15.17
CA MET D 145 20.23 15.08 14.31
C MET D 145 20.56 15.36 12.84
N LEU D 146 19.78 14.78 11.91
CA LEU D 146 20.01 14.98 10.47
C LEU D 146 18.71 14.94 9.67
N GLU D 147 18.56 15.90 8.73
CA GLU D 147 17.42 16.01 7.82
C GLU D 147 17.72 15.17 6.57
N VAL D 148 17.05 14.00 6.46
CA VAL D 148 17.23 13.06 5.35
C VAL D 148 16.02 13.02 4.40
N PRO D 149 16.19 13.26 3.08
CA PRO D 149 15.04 13.21 2.17
C PRO D 149 14.64 11.79 1.75
N TYR D 150 13.32 11.59 1.47
CA TYR D 150 12.76 10.32 1.04
C TYR D 150 13.23 9.97 -0.38
N VAL D 151 13.66 8.71 -0.58
CA VAL D 151 14.15 8.20 -1.86
C VAL D 151 13.13 7.19 -2.41
N ASP D 152 12.79 7.30 -3.72
CA ASP D 152 11.83 6.42 -4.41
C ASP D 152 12.33 4.97 -4.45
N ARG D 153 11.38 4.02 -4.40
CA ARG D 153 11.61 2.57 -4.38
C ARG D 153 12.50 2.00 -5.50
N ASN D 154 12.32 2.48 -6.76
CA ASN D 154 13.10 2.03 -7.93
C ASN D 154 14.57 2.43 -7.81
N SER D 155 14.84 3.68 -7.39
CA SER D 155 16.18 4.22 -7.20
C SER D 155 16.86 3.53 -6.01
N CYS D 156 16.06 3.14 -4.99
CA CYS D 156 16.49 2.44 -3.78
C CYS D 156 16.99 1.03 -4.10
N LYS D 157 16.24 0.27 -4.91
CA LYS D 157 16.56 -1.10 -5.32
C LYS D 157 17.77 -1.18 -6.26
N LEU D 158 17.85 -0.27 -7.25
CA LEU D 158 18.93 -0.21 -8.23
C LEU D 158 20.30 0.13 -7.62
N SER D 159 20.30 0.91 -6.52
CA SER D 159 21.51 1.34 -5.82
C SER D 159 22.07 0.25 -4.88
N SER D 160 21.18 -0.54 -4.27
CA SER D 160 21.54 -1.59 -3.32
C SER D 160 22.01 -2.90 -3.96
N SER D 161 23.08 -3.48 -3.40
CA SER D 161 23.66 -4.76 -3.81
C SER D 161 23.01 -5.90 -3.02
N PHE D 162 22.28 -5.53 -1.94
CA PHE D 162 21.56 -6.42 -1.04
C PHE D 162 20.06 -6.22 -1.22
N ILE D 163 19.26 -7.27 -0.92
CA ILE D 163 17.80 -7.26 -1.09
C ILE D 163 17.06 -6.26 -0.19
N ILE D 164 16.09 -5.53 -0.79
CA ILE D 164 15.23 -4.55 -0.12
C ILE D 164 13.81 -5.11 -0.10
N THR D 165 13.33 -5.52 1.09
CA THR D 165 11.99 -6.10 1.28
C THR D 165 10.93 -5.00 1.42
N GLN D 166 9.64 -5.40 1.47
CA GLN D 166 8.48 -4.50 1.63
C GLN D 166 8.44 -3.81 3.00
N ASN D 167 9.18 -4.36 3.99
CA ASN D 167 9.29 -3.84 5.36
C ASN D 167 10.46 -2.83 5.47
N MET D 168 11.11 -2.50 4.34
CA MET D 168 12.25 -1.57 4.28
C MET D 168 11.98 -0.36 3.37
N PHE D 169 12.66 0.78 3.65
CA PHE D 169 12.56 2.00 2.84
C PHE D 169 13.86 2.81 2.83
N CYS D 170 14.12 3.53 1.72
CA CYS D 170 15.31 4.36 1.53
C CYS D 170 15.09 5.82 1.90
N ALA D 171 16.10 6.43 2.52
CA ALA D 171 16.13 7.84 2.92
C ALA D 171 17.57 8.33 3.02
N GLY D 172 17.83 9.52 2.50
CA GLY D 172 19.16 10.14 2.51
C GLY D 172 19.55 10.81 1.21
N TYR D 173 20.88 11.01 1.03
CA TYR D 173 21.45 11.67 -0.14
C TYR D 173 22.22 10.69 -1.04
N ASP D 174 22.41 11.07 -2.32
CA ASP D 174 23.12 10.26 -3.32
C ASP D 174 24.64 10.47 -3.28
N THR D 175 25.11 11.73 -3.39
CA THR D 175 26.53 12.07 -3.40
C THR D 175 27.01 12.85 -2.18
N LYS D 176 26.12 13.61 -1.52
CA LYS D 176 26.41 14.40 -0.33
C LYS D 176 26.79 13.50 0.86
N GLN D 177 27.80 13.93 1.64
CA GLN D 177 28.33 13.17 2.79
C GLN D 177 27.49 13.38 4.07
N GLU D 178 26.20 13.02 4.01
CA GLU D 178 25.26 13.13 5.12
C GLU D 178 24.37 11.89 5.18
N ASP D 179 24.58 11.03 6.22
CA ASP D 179 23.86 9.77 6.45
C ASP D 179 24.06 9.30 7.91
N ALA D 180 23.21 8.36 8.37
CA ALA D 180 23.31 7.75 9.70
C ALA D 180 24.44 6.70 9.68
N CYS D 181 25.00 6.36 10.85
CA CYS D 181 26.10 5.39 10.94
C CYS D 181 25.92 4.35 12.07
N GLN D 182 26.98 3.57 12.37
CA GLN D 182 26.99 2.54 13.41
C GLN D 182 26.86 3.18 14.79
N GLY D 183 25.86 2.73 15.55
CA GLY D 183 25.54 3.26 16.87
C GLY D 183 24.19 3.94 16.89
N ASP D 184 23.75 4.46 15.72
CA ASP D 184 22.45 5.11 15.53
C ASP D 184 21.34 4.07 15.40
N SER D 185 21.72 2.81 15.06
CA SER D 185 20.85 1.65 14.86
C SER D 185 19.83 1.44 15.99
N GLY D 186 18.56 1.29 15.59
CA GLY D 186 17.44 1.14 16.50
C GLY D 186 16.80 2.47 16.87
N GLY D 187 17.47 3.57 16.49
CA GLY D 187 17.05 4.94 16.77
C GLY D 187 15.84 5.44 16.01
N PRO D 188 15.42 6.70 16.25
CA PRO D 188 14.21 7.22 15.59
C PRO D 188 14.40 7.88 14.23
N HIS D 189 13.33 7.82 13.43
CA HIS D 189 13.18 8.46 12.13
C HIS D 189 11.79 9.09 12.19
N VAL D 190 11.75 10.42 12.41
CA VAL D 190 10.51 11.17 12.54
C VAL D 190 10.20 12.06 11.34
N THR D 191 8.93 12.16 10.97
CA THR D 191 8.45 12.99 9.86
C THR D 191 7.57 14.11 10.44
N ARG D 192 7.87 15.35 10.07
CA ARG D 192 7.15 16.53 10.56
C ARG D 192 5.93 16.88 9.70
N PHE D 193 4.79 17.08 10.37
CA PHE D 193 3.55 17.53 9.77
C PHE D 193 3.03 18.66 10.65
N LYS D 194 3.07 19.90 10.10
CA LYS D 194 2.73 21.17 10.76
C LYS D 194 3.75 21.47 11.87
N ASP D 195 3.53 20.97 13.10
CA ASP D 195 4.42 21.14 14.25
C ASP D 195 4.48 19.87 15.12
N THR D 196 3.94 18.75 14.61
CA THR D 196 3.89 17.45 15.28
C THR D 196 4.78 16.44 14.54
N TYR D 197 5.57 15.67 15.31
CA TYR D 197 6.48 14.65 14.80
C TYR D 197 5.91 13.25 15.00
N PHE D 198 5.90 12.43 13.93
CA PHE D 198 5.37 11.07 13.95
C PHE D 198 6.43 10.03 13.64
N VAL D 199 6.31 8.82 14.23
CA VAL D 199 7.25 7.71 14.01
C VAL D 199 6.98 7.14 12.62
N THR D 200 8.00 7.14 11.75
CA THR D 200 7.89 6.63 10.38
C THR D 200 8.88 5.51 10.08
N GLY D 201 10.03 5.51 10.76
CA GLY D 201 11.06 4.50 10.55
C GLY D 201 11.95 4.21 11.74
N ILE D 202 12.73 3.12 11.63
CA ILE D 202 13.70 2.65 12.62
C ILE D 202 15.04 2.49 11.90
N VAL D 203 16.11 3.09 12.44
CA VAL D 203 17.48 3.04 11.91
C VAL D 203 17.92 1.56 11.91
N SER D 204 18.09 0.97 10.70
CA SER D 204 18.42 -0.44 10.54
C SER D 204 19.84 -0.75 10.03
N TRP D 205 20.09 -0.63 8.70
CA TRP D 205 21.39 -0.93 8.09
C TRP D 205 21.73 -0.02 6.89
N GLY D 206 22.88 -0.27 6.28
CA GLY D 206 23.38 0.47 5.13
C GLY D 206 24.76 0.03 4.67
N GLU D 207 25.03 0.13 3.36
CA GLU D 207 26.32 -0.24 2.77
C GLU D 207 27.33 0.87 3.10
N GLY D 208 27.91 0.78 4.30
CA GLY D 208 28.83 1.76 4.83
C GLY D 208 28.11 2.97 5.40
N CYS D 209 28.80 4.12 5.46
CA CYS D 209 28.24 5.37 5.98
C CYS D 209 28.58 6.52 5.03
N ALA D 210 27.53 7.22 4.53
CA ALA D 210 27.59 8.36 3.60
C ALA D 210 28.35 8.10 2.28
N ARG D 211 28.35 6.83 1.82
CA ARG D 211 28.99 6.41 0.57
C ARG D 211 28.23 6.92 -0.65
N LYS D 212 28.98 7.38 -1.68
CA LYS D 212 28.39 7.89 -2.93
C LYS D 212 27.68 6.80 -3.73
N GLY D 213 26.41 7.06 -4.04
CA GLY D 213 25.54 6.14 -4.76
C GLY D 213 24.79 5.18 -3.86
N LYS D 214 24.99 5.28 -2.54
CA LYS D 214 24.34 4.43 -1.53
C LYS D 214 23.49 5.26 -0.57
N TYR D 215 22.36 4.69 -0.11
CA TYR D 215 21.43 5.33 0.82
C TYR D 215 21.33 4.56 2.15
N GLY D 216 20.57 5.11 3.10
CA GLY D 216 20.33 4.51 4.40
C GLY D 216 19.06 3.70 4.41
N ILE D 217 19.14 2.45 4.90
CA ILE D 217 17.99 1.53 4.96
C ILE D 217 17.31 1.61 6.34
N TYR D 218 15.99 1.80 6.33
CA TYR D 218 15.17 1.94 7.53
C TYR D 218 14.01 0.94 7.58
N THR D 219 13.60 0.53 8.79
CA THR D 219 12.49 -0.39 9.01
C THR D 219 11.18 0.41 8.88
N LYS D 220 10.32 0.01 7.92
CA LYS D 220 9.04 0.66 7.65
C LYS D 220 8.03 0.37 8.77
N VAL D 221 7.73 1.40 9.61
CA VAL D 221 6.81 1.32 10.76
C VAL D 221 5.35 1.04 10.33
N THR D 222 4.93 1.58 9.17
CA THR D 222 3.59 1.42 8.58
C THR D 222 3.14 -0.04 8.45
N ALA D 223 4.07 -0.95 8.11
CA ALA D 223 3.80 -2.37 7.95
C ALA D 223 3.68 -3.12 9.29
N PHE D 224 4.02 -2.44 10.41
CA PHE D 224 3.98 -3.03 11.75
C PHE D 224 3.09 -2.30 12.76
N LEU D 225 2.32 -1.28 12.33
CA LEU D 225 1.44 -0.49 13.21
C LEU D 225 0.38 -1.30 13.97
N LYS D 226 -0.15 -2.37 13.34
CA LYS D 226 -1.14 -3.27 13.97
C LYS D 226 -0.45 -4.16 14.99
N TRP D 227 0.83 -4.53 14.73
CA TRP D 227 1.66 -5.37 15.60
C TRP D 227 2.10 -4.60 16.85
N ILE D 228 2.43 -3.29 16.70
CA ILE D 228 2.86 -2.39 17.79
C ILE D 228 1.72 -2.19 18.80
N ASP D 229 0.48 -1.99 18.31
CA ASP D 229 -0.73 -1.80 19.12
C ASP D 229 -1.07 -3.04 19.94
N ARG D 230 -0.84 -4.25 19.36
CA ARG D 230 -1.07 -5.54 20.02
C ARG D 230 -0.03 -5.77 21.12
N SER D 231 1.22 -5.31 20.88
CA SER D 231 2.35 -5.42 21.81
C SER D 231 2.16 -4.50 23.02
N MET D 232 1.46 -3.37 22.83
CA MET D 232 1.20 -2.37 23.88
C MET D 232 0.11 -2.78 24.90
N LYS D 233 -0.58 -3.90 24.65
CA LYS D 233 -1.63 -4.43 25.53
C LYS D 233 -1.08 -5.47 26.52
N THR D 234 -0.12 -6.30 26.07
CA THR D 234 0.51 -7.35 26.89
C THR D 234 1.87 -6.91 27.48
N ARG D 235 2.21 -7.37 28.58
CA CA E . -28.54 -15.28 -23.47
C34 VYR F . -14.71 2.89 -22.69
C35 VYR F . -13.59 2.21 -22.46
C36 VYR F . -12.78 2.10 -23.51
CL VYR F . -11.28 1.24 -23.51
S37 VYR F . -13.45 2.94 -24.80
C33 VYR F . -14.81 3.39 -23.93
C31 VYR F . -15.85 4.17 -24.43
C32 VYR F . -15.76 5.27 -25.18
O30 VYR F . -17.15 3.94 -24.12
N29 VYR F . -17.87 4.95 -24.76
C28 VYR F . -16.99 5.72 -25.40
C27 VYR F . -17.36 6.96 -26.22
C17 VYR F . -17.31 8.27 -25.40
C18 VYR F . -17.14 8.07 -23.86
O43 VYR F . -16.00 7.94 -23.41
N19 VYR F . -18.19 8.11 -23.01
C20 VYR F . -17.96 7.96 -21.53
C21 VYR F . -18.99 7.00 -20.89
C22 VYR F . -20.44 7.35 -21.32
O25 VYR F . -21.40 6.46 -20.70
C26 VYR F . -22.35 7.21 -19.93
C23 VYR F . -20.58 7.33 -22.86
C24 VYR F . -19.60 8.33 -23.51
N16 VYR F . -16.26 9.15 -25.94
S15 VYR F . -16.74 10.72 -25.98
O40 VYR F . -15.72 11.52 -26.74
O41 VYR F . -18.05 10.83 -26.73
C9 VYR F . -16.93 11.36 -24.33
C8 VYR F . -15.84 11.51 -23.43
C13 VYR F . -14.41 11.13 -23.84
C14 VYR F . -13.59 12.36 -24.28
C10 VYR F . -18.24 11.68 -23.93
C11 VYR F . -18.51 12.16 -22.66
C12 VYR F . -17.45 12.33 -21.76
C7 VYR F . -16.14 12.00 -22.13
N3 VYR F . -15.13 12.23 -21.16
C2 VYR F . -14.67 11.08 -20.31
C1 VYR F . -13.35 11.42 -19.58
O6 VYR F . -13.37 12.74 -19.00
C5 VYR F . -13.64 13.78 -19.97
C4 VYR F . -14.63 13.55 -20.94
O39 VYR F . -15.01 14.50 -21.62
CA CA G . 24.66 12.00 30.03
C34 VYR H . 22.17 1.82 9.93
C35 VYR H . 21.14 2.57 9.48
C36 VYR H . 21.49 3.51 8.61
CL VYR H . 20.38 4.63 7.91
S37 VYR H . 23.13 3.40 8.31
C33 VYR H . 23.35 2.10 9.37
C31 VYR H . 24.55 1.47 9.62
C32 VYR H . 25.44 0.98 8.76
O30 VYR H . 24.95 1.17 10.89
N29 VYR H . 26.17 0.49 10.75
C28 VYR H . 26.43 0.39 9.45
C27 VYR H . 27.67 -0.28 8.86
C17 VYR H . 27.44 -1.75 8.42
C18 VYR H . 26.14 -2.41 8.96
O43 VYR H . 25.10 -2.24 8.33
N19 VYR H . 26.14 -3.23 10.04
C20 VYR H . 24.87 -3.89 10.48
C21 VYR H . 24.53 -3.51 11.93
C22 VYR H . 25.77 -3.35 12.86
O25 VYR H . 25.77 -4.31 13.94
C26 VYR H . 25.45 -3.65 15.18
C23 VYR H . 27.19 -3.06 12.29
C24 VYR H . 27.38 -3.52 10.84
N16 VYR H . 27.51 -1.84 6.95
S15 VYR H . 28.29 -3.19 6.43
O40 VYR H . 28.45 -3.13 4.95
O41 VYR H . 29.68 -3.24 7.03
C9 VYR H . 27.39 -4.65 6.90
C8 VYR H . 26.09 -4.95 6.41
C13 VYR H . 25.37 -4.02 5.40
C14 VYR H . 25.55 -4.50 3.95
C10 VYR H . 27.99 -5.49 7.83
C11 VYR H . 27.37 -6.65 8.28
C12 VYR H . 26.10 -6.96 7.81
C7 VYR H . 25.45 -6.12 6.89
N3 VYR H . 24.18 -6.54 6.45
C2 VYR H . 22.96 -6.01 7.14
C1 VYR H . 21.63 -6.37 6.43
O6 VYR H . 21.71 -7.00 5.11
C5 VYR H . 22.81 -7.91 4.97
C4 VYR H . 24.08 -7.50 5.41
O39 VYR H . 25.08 -7.94 4.83
#